data_6AQQ
#
_entry.id   6AQQ
#
_cell.length_a   93.600
_cell.length_b   93.600
_cell.length_c   130.700
_cell.angle_alpha   90.00
_cell.angle_beta   90.00
_cell.angle_gamma   90.00
#
_symmetry.space_group_name_H-M   'P 42 21 2'
#
loop_
_entity.id
_entity.type
_entity.pdbx_description
1 polymer 'Bifunctional ligase/repressor BirA'
2 non-polymer (3aS,4S,6aR)-4-(5-{1-[(3-fluorophenyl)methyl]-1H-1,2,3-triazol-4-yl}pentyl)tetrahydro-1H-thieno[3,4-d]imidazol-2(3H)-one
3 water water
#
_entity_poly.entity_id   1
_entity_poly.type   'polypeptide(L)'
_entity_poly.pdbx_seq_one_letter_code
;MSKYSQDVLQLLYKNKPNYISGQSIAESLNISRTAVKKVIDQLKLEGCKIDSVNHKGHLLQQLPDIWYQGIIDQYTKSSA
LFDFSEVYDSIDSTQLAAKKSLVGNQSSFFILSDEQTKGRGRFNRHWSSSKGQGLWMSVVLRPNVAFSMISKFNLFIALG
IRDAIQHFSQDEVKVKWPNDIYIDNGKVCGFLTEMVANNDGIEAIICGIGINLTQQLENFDESIRHRATSIQLHDKNKLD
RYQFLERLLQEIEKRYNQFLTLPFSEIREEYIAASNIWNRTLLFTENDKQFKGQAIDLDYDGYLIVRDEAGESHRLISAD
IDFHHHHHH
;
_entity_poly.pdbx_strand_id   A
#
loop_
_chem_comp.id
_chem_comp.type
_chem_comp.name
_chem_comp.formula
BVY non-polymer (3aS,4S,6aR)-4-(5-{1-[(3-fluorophenyl)methyl]-1H-1,2,3-triazol-4-yl}pentyl)tetrahydro-1H-thieno[3,4-d]imidazol-2(3H)-one 'C19 H24 F N5 O S'
#
# COMPACT_ATOMS: atom_id res chain seq x y z
N SER A 2 12.07 -24.10 -3.07
CA SER A 2 12.74 -25.00 -2.16
C SER A 2 12.64 -24.54 -0.71
N LYS A 3 12.96 -25.45 0.20
CA LYS A 3 12.92 -25.17 1.63
C LYS A 3 13.77 -23.96 2.01
N TYR A 4 14.81 -23.68 1.23
CA TYR A 4 15.81 -22.67 1.58
C TYR A 4 15.83 -21.51 0.61
N SER A 5 14.79 -21.34 -0.21
CA SER A 5 14.83 -20.35 -1.28
C SER A 5 14.94 -18.94 -0.72
N GLN A 6 14.06 -18.59 0.23
CA GLN A 6 14.04 -17.21 0.74
C GLN A 6 15.16 -16.94 1.73
N ASP A 7 15.71 -17.97 2.38
CA ASP A 7 16.95 -17.78 3.13
C ASP A 7 18.11 -17.42 2.22
N VAL A 8 18.23 -18.11 1.08
CA VAL A 8 19.20 -17.73 0.07
C VAL A 8 18.90 -16.34 -0.47
N LEU A 9 17.62 -16.08 -0.77
CA LEU A 9 17.22 -14.76 -1.22
C LEU A 9 17.53 -13.71 -0.16
N GLN A 10 17.20 -14.00 1.10
CA GLN A 10 17.49 -13.06 2.18
C GLN A 10 18.98 -12.77 2.28
N LEU A 11 19.81 -13.80 2.10
CA LEU A 11 21.26 -13.58 2.14
C LEU A 11 21.73 -12.77 0.94
N LEU A 12 21.18 -13.05 -0.25
CA LEU A 12 21.59 -12.32 -1.44
C LEU A 12 21.19 -10.84 -1.33
N TYR A 13 19.94 -10.58 -0.93
CA TYR A 13 19.48 -9.20 -0.76
C TYR A 13 20.28 -8.49 0.33
N LYS A 14 20.48 -9.16 1.46
CA LYS A 14 21.13 -8.53 2.61
C LYS A 14 22.54 -8.06 2.27
N ASN A 15 23.20 -8.71 1.32
CA ASN A 15 24.61 -8.45 1.04
C ASN A 15 24.83 -7.46 -0.08
N LYS A 16 23.77 -7.00 -0.75
CA LYS A 16 23.93 -5.94 -1.74
C LYS A 16 24.61 -4.74 -1.09
N PRO A 17 25.52 -4.05 -1.80
CA PRO A 17 25.85 -4.24 -3.21
C PRO A 17 27.03 -5.17 -3.48
N ASN A 18 27.36 -6.05 -2.54
CA ASN A 18 28.53 -6.91 -2.66
C ASN A 18 28.14 -8.30 -3.19
N TYR A 19 29.11 -8.95 -3.82
CA TYR A 19 28.97 -10.34 -4.20
C TYR A 19 29.20 -11.22 -2.97
N ILE A 20 28.51 -12.36 -2.95
CA ILE A 20 28.59 -13.31 -1.84
C ILE A 20 28.77 -14.71 -2.41
N SER A 21 29.68 -15.47 -1.82
CA SER A 21 30.10 -16.73 -2.38
C SER A 21 29.09 -17.84 -2.05
N GLY A 22 29.02 -18.83 -2.94
CA GLY A 22 28.16 -19.97 -2.69
C GLY A 22 28.58 -20.75 -1.44
N GLN A 23 29.87 -20.76 -1.14
CA GLN A 23 30.33 -21.41 0.09
C GLN A 23 29.78 -20.71 1.33
N SER A 24 29.82 -19.37 1.32
CA SER A 24 29.27 -18.60 2.44
C SER A 24 27.81 -18.95 2.67
N ILE A 25 27.02 -18.97 1.59
CA ILE A 25 25.60 -19.35 1.71
C ILE A 25 25.47 -20.77 2.24
N ALA A 26 26.27 -21.69 1.70
CA ALA A 26 26.24 -23.07 2.18
C ALA A 26 26.53 -23.15 3.67
N GLU A 27 27.61 -22.47 4.11
CA GLU A 27 27.94 -22.44 5.53
C GLU A 27 26.85 -21.76 6.36
N SER A 28 26.21 -20.73 5.80
CA SER A 28 25.22 -19.97 6.55
C SER A 28 23.99 -20.82 6.87
N LEU A 29 23.52 -21.60 5.90
CA LEU A 29 22.32 -22.42 6.07
C LEU A 29 22.63 -23.86 6.40
N ASN A 30 23.91 -24.24 6.46
CA ASN A 30 24.33 -25.62 6.72
C ASN A 30 23.77 -26.58 5.67
N ILE A 31 24.00 -26.24 4.40
CA ILE A 31 23.66 -27.11 3.28
C ILE A 31 24.85 -27.12 2.32
N SER A 32 24.80 -28.03 1.35
CA SER A 32 25.93 -28.20 0.43
C SER A 32 25.95 -27.08 -0.62
N ARG A 33 27.13 -26.87 -1.21
CA ARG A 33 27.25 -25.88 -2.27
C ARG A 33 26.46 -26.27 -3.52
N THR A 34 26.21 -27.57 -3.73
CA THR A 34 25.38 -27.99 -4.86
C THR A 34 23.91 -27.65 -4.62
N ALA A 35 23.42 -27.88 -3.40
CA ALA A 35 22.05 -27.48 -3.07
C ALA A 35 21.84 -25.99 -3.29
N VAL A 36 22.85 -25.19 -2.98
CA VAL A 36 22.76 -23.74 -3.20
C VAL A 36 22.62 -23.44 -4.68
N LYS A 37 23.43 -24.10 -5.52
CA LYS A 37 23.35 -23.87 -6.96
C LYS A 37 21.95 -24.17 -7.49
N LYS A 38 21.34 -25.26 -7.02
CA LYS A 38 19.99 -25.60 -7.45
C LYS A 38 19.01 -24.49 -7.09
N VAL A 39 19.08 -23.98 -5.86
CA VAL A 39 18.21 -22.89 -5.44
C VAL A 39 18.45 -21.65 -6.30
N ILE A 40 19.72 -21.28 -6.49
CA ILE A 40 20.03 -20.05 -7.24
C ILE A 40 19.58 -20.18 -8.69
N ASP A 41 19.79 -21.37 -9.29
CA ASP A 41 19.26 -21.62 -10.63
C ASP A 41 17.76 -21.38 -10.69
N GLN A 42 16.99 -21.98 -9.78
CA GLN A 42 15.54 -21.77 -9.78
C GLN A 42 15.20 -20.33 -9.49
N LEU A 43 15.90 -19.71 -8.54
CA LEU A 43 15.72 -18.27 -8.35
C LEU A 43 15.75 -17.55 -9.69
N LYS A 44 16.73 -17.89 -10.53
CA LYS A 44 16.86 -17.27 -11.84
C LYS A 44 15.66 -17.61 -12.74
N LEU A 45 15.18 -18.86 -12.71
CA LEU A 45 14.09 -19.26 -13.59
C LEU A 45 12.75 -18.71 -13.13
N GLU A 46 12.62 -18.35 -11.86
CA GLU A 46 11.46 -17.58 -11.43
C GLU A 46 11.54 -16.12 -11.84
N GLY A 47 12.64 -15.72 -12.48
CA GLY A 47 12.81 -14.34 -12.90
C GLY A 47 13.78 -13.52 -12.08
N CYS A 48 14.42 -14.12 -11.07
CA CYS A 48 15.45 -13.39 -10.34
C CYS A 48 16.65 -13.14 -11.24
N LYS A 49 17.17 -11.92 -11.19
CA LYS A 49 18.33 -11.53 -11.99
C LYS A 49 19.54 -11.51 -11.05
N ILE A 50 20.37 -12.54 -11.13
CA ILE A 50 21.53 -12.71 -10.26
C ILE A 50 22.78 -12.86 -11.13
N ASP A 51 23.80 -12.07 -10.80
CA ASP A 51 25.10 -12.14 -11.48
C ASP A 51 26.03 -13.02 -10.66
N SER A 52 26.52 -14.09 -11.29
CA SER A 52 27.40 -15.06 -10.65
C SER A 52 28.71 -15.11 -11.42
N VAL A 53 29.80 -14.77 -10.77
CA VAL A 53 31.13 -14.86 -11.37
C VAL A 53 31.98 -15.81 -10.52
N ASN A 54 32.84 -16.56 -11.19
CA ASN A 54 33.62 -17.59 -10.52
C ASN A 54 34.51 -16.99 -9.44
N HIS A 55 34.65 -17.72 -8.33
CA HIS A 55 35.49 -17.37 -7.19
C HIS A 55 34.93 -16.23 -6.33
N LYS A 56 34.12 -15.35 -6.91
CA LYS A 56 33.61 -14.19 -6.19
C LYS A 56 32.22 -14.43 -5.59
N GLY A 57 31.29 -14.97 -6.37
CA GLY A 57 29.99 -15.32 -5.84
C GLY A 57 28.82 -14.76 -6.63
N HIS A 58 27.72 -14.48 -5.94
CA HIS A 58 26.48 -14.06 -6.56
C HIS A 58 26.06 -12.69 -6.06
N LEU A 59 25.50 -11.89 -6.98
CA LEU A 59 25.00 -10.56 -6.68
C LEU A 59 23.56 -10.46 -7.14
N LEU A 60 22.64 -10.21 -6.20
CA LEU A 60 21.26 -9.97 -6.57
C LEU A 60 21.15 -8.60 -7.25
N GLN A 61 20.85 -8.59 -8.54
CA GLN A 61 20.74 -7.33 -9.26
C GLN A 61 19.31 -6.83 -9.31
N GLN A 62 18.33 -7.73 -9.42
CA GLN A 62 16.95 -7.31 -9.60
C GLN A 62 16.01 -8.44 -9.25
N LEU A 63 14.97 -8.12 -8.50
CA LEU A 63 13.84 -8.95 -8.08
C LEU A 63 12.73 -8.90 -9.12
N PRO A 64 12.03 -10.00 -9.33
CA PRO A 64 10.91 -10.00 -10.27
C PRO A 64 9.67 -9.40 -9.61
N ASP A 65 8.56 -9.44 -10.36
CA ASP A 65 7.31 -8.86 -9.86
C ASP A 65 6.53 -9.90 -9.07
N ILE A 66 7.18 -10.34 -7.98
CA ILE A 66 6.69 -11.41 -7.12
C ILE A 66 7.13 -11.10 -5.70
N TRP A 67 6.19 -11.15 -4.75
CA TRP A 67 6.53 -10.91 -3.36
C TRP A 67 7.23 -12.13 -2.77
N TYR A 68 8.37 -11.88 -2.12
CA TYR A 68 9.15 -12.91 -1.44
C TYR A 68 9.16 -12.59 0.04
N GLN A 69 8.73 -13.56 0.86
CA GLN A 69 8.74 -13.37 2.31
C GLN A 69 10.13 -12.98 2.79
N GLY A 70 11.16 -13.70 2.34
CA GLY A 70 12.51 -13.44 2.81
C GLY A 70 12.96 -12.01 2.61
N ILE A 71 12.52 -11.39 1.52
CA ILE A 71 12.88 -9.99 1.28
C ILE A 71 12.12 -9.07 2.24
N ILE A 72 10.82 -9.27 2.39
CA ILE A 72 10.00 -8.40 3.23
C ILE A 72 10.40 -8.52 4.70
N ASP A 73 10.98 -9.66 5.10
CA ASP A 73 11.43 -9.79 6.49
C ASP A 73 12.54 -8.81 6.82
N GLN A 74 13.35 -8.43 5.82
CA GLN A 74 14.35 -7.39 6.04
C GLN A 74 13.70 -6.03 6.27
N TYR A 75 12.53 -5.80 5.66
CA TYR A 75 11.85 -4.52 5.84
C TYR A 75 11.29 -4.40 7.25
N THR A 76 10.65 -5.46 7.75
CA THR A 76 10.15 -5.49 9.12
C THR A 76 11.25 -5.66 10.14
N LYS A 77 12.42 -6.15 9.73
CA LYS A 77 13.54 -6.32 10.65
C LYS A 77 13.95 -4.99 11.26
N SER A 78 14.14 -3.96 10.42
CA SER A 78 14.58 -2.63 10.88
C SER A 78 13.43 -1.70 11.18
N SER A 79 12.21 -2.06 10.81
CA SER A 79 11.06 -1.19 11.01
C SER A 79 10.83 -0.93 12.49
N ALA A 80 10.77 0.34 12.85
CA ALA A 80 10.39 0.74 14.20
C ALA A 80 8.88 0.70 14.42
N LEU A 81 8.12 0.23 13.43
CA LEU A 81 6.67 0.19 13.49
C LEU A 81 6.13 -1.23 13.43
N PHE A 82 6.56 -2.02 12.45
CA PHE A 82 5.95 -3.32 12.18
C PHE A 82 6.74 -4.44 12.83
N ASP A 83 6.00 -5.37 13.44
CA ASP A 83 6.60 -6.50 14.12
C ASP A 83 6.87 -7.67 13.18
N PHE A 84 6.02 -7.86 12.17
CA PHE A 84 6.20 -8.93 11.20
C PHE A 84 5.29 -8.64 10.01
N SER A 85 5.34 -9.53 9.02
CA SER A 85 4.49 -9.44 7.84
C SER A 85 4.24 -10.84 7.32
N GLU A 86 3.05 -11.03 6.76
CA GLU A 86 2.67 -12.29 6.12
C GLU A 86 2.55 -12.06 4.62
N VAL A 87 3.39 -12.73 3.84
CA VAL A 87 3.39 -12.61 2.40
C VAL A 87 2.75 -13.85 1.79
N TYR A 88 1.83 -13.64 0.85
CA TYR A 88 1.13 -14.73 0.20
C TYR A 88 1.19 -14.57 -1.32
N ASP A 89 1.27 -15.69 -2.02
CA ASP A 89 1.01 -15.65 -3.45
C ASP A 89 -0.48 -15.52 -3.73
N SER A 90 -1.33 -16.03 -2.84
CA SER A 90 -2.77 -15.96 -3.02
C SER A 90 -3.46 -16.03 -1.67
N ILE A 91 -4.67 -15.48 -1.61
CA ILE A 91 -5.48 -15.38 -0.40
C ILE A 91 -6.83 -14.80 -0.81
N ASP A 92 -7.88 -15.07 -0.02
CA ASP A 92 -9.18 -14.46 -0.32
C ASP A 92 -9.09 -12.94 -0.22
N SER A 93 -8.53 -12.44 0.87
CA SER A 93 -8.37 -11.00 1.05
C SER A 93 -7.37 -10.72 2.16
N THR A 94 -6.45 -9.80 1.90
CA THR A 94 -5.52 -9.36 2.94
C THR A 94 -6.26 -8.76 4.12
N GLN A 95 -7.37 -8.08 3.86
CA GLN A 95 -8.17 -7.52 4.94
C GLN A 95 -8.74 -8.61 5.83
N LEU A 96 -9.30 -9.66 5.22
CA LEU A 96 -9.82 -10.79 5.98
C LEU A 96 -8.72 -11.44 6.81
N ALA A 97 -7.55 -11.63 6.21
CA ALA A 97 -6.41 -12.20 6.93
C ALA A 97 -6.01 -11.32 8.09
N ALA A 98 -5.93 -10.01 7.88
CA ALA A 98 -5.54 -9.10 8.95
C ALA A 98 -6.52 -9.16 10.11
N LYS A 99 -7.82 -9.12 9.81
CA LYS A 99 -8.83 -9.12 10.88
C LYS A 99 -8.78 -10.38 11.70
N LYS A 100 -8.32 -11.48 11.13
CA LYS A 100 -8.14 -12.72 11.89
C LYS A 100 -6.84 -12.69 12.68
N SER A 101 -5.75 -12.22 12.07
CA SER A 101 -4.45 -12.34 12.71
C SER A 101 -4.29 -11.38 13.88
N LEU A 102 -5.04 -10.28 13.88
CA LEU A 102 -4.90 -9.31 14.96
C LEU A 102 -5.54 -9.80 16.25
N VAL A 103 -6.50 -10.71 16.16
CA VAL A 103 -7.27 -11.14 17.33
C VAL A 103 -6.34 -11.77 18.36
N GLY A 104 -6.44 -11.28 19.60
CA GLY A 104 -5.73 -11.88 20.72
C GLY A 104 -4.32 -11.37 20.97
N ASN A 105 -3.87 -10.38 20.21
CA ASN A 105 -2.52 -9.85 20.38
C ASN A 105 -2.54 -8.35 20.16
N GLN A 106 -1.39 -7.72 20.40
CA GLN A 106 -1.21 -6.28 20.23
C GLN A 106 -0.05 -5.96 19.30
N SER A 107 0.28 -6.86 18.39
CA SER A 107 1.39 -6.66 17.49
C SER A 107 0.95 -5.84 16.28
N SER A 108 1.88 -5.03 15.78
CA SER A 108 1.68 -4.26 14.55
C SER A 108 2.31 -5.03 13.40
N PHE A 109 1.55 -5.20 12.32
CA PHE A 109 1.99 -6.01 11.19
C PHE A 109 1.25 -5.53 9.95
N PHE A 110 1.67 -6.06 8.81
CA PHE A 110 0.94 -5.86 7.57
C PHE A 110 0.95 -7.17 6.79
N ILE A 111 -0.03 -7.30 5.89
CA ILE A 111 -0.23 -8.52 5.13
C ILE A 111 -0.21 -8.16 3.65
N LEU A 112 0.60 -8.89 2.89
CA LEU A 112 0.82 -8.66 1.47
C LEU A 112 0.46 -9.93 0.71
N SER A 113 -0.24 -9.78 -0.41
CA SER A 113 -0.54 -10.94 -1.25
C SER A 113 -0.50 -10.53 -2.72
N ASP A 114 0.01 -11.43 -3.55
CA ASP A 114 0.20 -11.13 -4.97
C ASP A 114 -1.15 -11.00 -5.67
N GLU A 115 -2.06 -11.92 -5.40
CA GLU A 115 -3.42 -11.86 -5.92
C GLU A 115 -4.42 -12.11 -4.79
N GLN A 116 -5.62 -11.60 -4.98
CA GLN A 116 -6.74 -11.80 -4.07
C GLN A 116 -7.88 -12.43 -4.83
N THR A 117 -8.46 -13.49 -4.28
CA THR A 117 -9.61 -14.13 -4.92
C THR A 117 -10.93 -13.47 -4.56
N LYS A 118 -10.98 -12.74 -3.45
CA LYS A 118 -12.22 -12.14 -2.96
C LYS A 118 -11.93 -10.77 -2.33
N GLY A 119 -11.20 -9.94 -3.06
CA GLY A 119 -10.94 -8.60 -2.59
C GLY A 119 -12.21 -7.78 -2.53
N ARG A 120 -12.36 -7.03 -1.44
CA ARG A 120 -13.52 -6.19 -1.22
C ARG A 120 -13.08 -4.82 -0.74
N GLY A 121 -13.74 -3.78 -1.27
CA GLY A 121 -13.53 -2.43 -0.81
C GLY A 121 -14.72 -1.93 -0.04
N ARG A 122 -14.91 -0.61 0.00
CA ARG A 122 -16.06 -0.03 0.70
C ARG A 122 -17.35 -0.61 0.17
N PHE A 123 -18.33 -0.76 1.06
CA PHE A 123 -19.67 -1.24 0.73
C PHE A 123 -19.64 -2.60 0.05
N ASN A 124 -18.58 -3.38 0.26
CA ASN A 124 -18.42 -4.73 -0.28
C ASN A 124 -18.33 -4.74 -1.80
N ARG A 125 -17.80 -3.67 -2.39
CA ARG A 125 -17.57 -3.65 -3.83
C ARG A 125 -16.37 -4.52 -4.19
N HIS A 126 -16.43 -5.11 -5.38
CA HIS A 126 -15.32 -5.95 -5.85
C HIS A 126 -14.14 -5.05 -6.28
N LYS A 131 -2.21 -12.52 -12.81
CA LYS A 131 -1.70 -11.16 -12.80
C LYS A 131 -0.87 -10.88 -11.56
N GLY A 132 0.22 -10.13 -11.77
CA GLY A 132 0.99 -9.61 -10.67
C GLY A 132 1.23 -8.13 -10.87
N GLN A 133 0.16 -7.39 -11.13
CA GLN A 133 0.29 -5.99 -11.52
C GLN A 133 -0.29 -5.02 -10.49
N GLY A 134 -0.65 -5.50 -9.30
CA GLY A 134 -1.17 -4.63 -8.26
C GLY A 134 -0.58 -4.95 -6.91
N LEU A 135 -0.62 -3.95 -6.04
CA LEU A 135 -0.25 -4.10 -4.63
C LEU A 135 -1.52 -4.20 -3.80
N TRP A 136 -1.67 -5.30 -3.05
CA TRP A 136 -2.79 -5.51 -2.16
C TRP A 136 -2.25 -5.76 -0.77
N MET A 137 -2.45 -4.79 0.12
CA MET A 137 -1.83 -4.81 1.44
C MET A 137 -2.84 -4.35 2.48
N SER A 138 -2.85 -5.03 3.62
CA SER A 138 -3.60 -4.59 4.79
C SER A 138 -2.61 -4.30 5.91
N VAL A 139 -2.84 -3.21 6.62
CA VAL A 139 -1.92 -2.75 7.65
C VAL A 139 -2.68 -2.69 8.97
N VAL A 140 -2.08 -3.25 10.03
CA VAL A 140 -2.67 -3.27 11.36
C VAL A 140 -1.80 -2.45 12.28
N LEU A 141 -2.36 -1.38 12.82
CA LEU A 141 -1.69 -0.50 13.78
C LEU A 141 -2.53 -0.44 15.06
N ARG A 142 -1.89 0.01 16.14
CA ARG A 142 -2.51 0.00 17.46
C ARG A 142 -2.38 1.36 18.15
N PRO A 143 -3.06 2.39 17.63
CA PRO A 143 -3.02 3.69 18.30
C PRO A 143 -3.93 3.69 19.52
N ASN A 144 -3.43 4.23 20.63
CA ASN A 144 -4.21 4.35 21.86
C ASN A 144 -4.99 5.67 21.77
N VAL A 145 -6.14 5.61 21.09
CA VAL A 145 -6.99 6.78 20.86
C VAL A 145 -8.44 6.34 20.93
N ALA A 146 -9.34 7.32 21.04
CA ALA A 146 -10.77 7.01 21.02
C ALA A 146 -11.19 6.57 19.61
N PHE A 147 -12.30 5.81 19.55
CA PHE A 147 -12.74 5.31 18.26
C PHE A 147 -13.22 6.42 17.33
N SER A 148 -13.44 7.63 17.85
CA SER A 148 -13.78 8.76 16.99
C SER A 148 -12.68 9.05 15.98
N MET A 149 -11.44 8.70 16.31
CA MET A 149 -10.27 9.13 15.54
C MET A 149 -10.07 8.32 14.25
N ILE A 150 -11.00 7.44 13.88
CA ILE A 150 -10.81 6.66 12.65
C ILE A 150 -10.89 7.56 11.43
N SER A 151 -11.87 8.46 11.40
CA SER A 151 -11.97 9.43 10.31
C SER A 151 -10.67 10.21 10.17
N LYS A 152 -10.05 10.54 11.30
CA LYS A 152 -8.82 11.34 11.28
C LYS A 152 -7.64 10.53 10.74
N PHE A 153 -7.55 9.25 11.12
CA PHE A 153 -6.50 8.40 10.58
C PHE A 153 -6.61 8.31 9.06
N ASN A 154 -7.84 8.16 8.55
CA ASN A 154 -8.05 8.04 7.11
C ASN A 154 -7.50 9.25 6.37
N LEU A 155 -7.66 10.44 6.96
CA LEU A 155 -7.15 11.65 6.32
C LEU A 155 -5.63 11.64 6.24
N PHE A 156 -4.96 11.15 7.29
CA PHE A 156 -3.50 11.26 7.34
C PHE A 156 -2.83 10.30 6.36
N ILE A 157 -3.24 9.03 6.37
CA ILE A 157 -2.57 8.06 5.49
C ILE A 157 -2.89 8.35 4.03
N ALA A 158 -4.02 9.02 3.76
CA ALA A 158 -4.30 9.49 2.41
C ALA A 158 -3.09 10.22 1.83
N LEU A 159 -2.58 11.19 2.59
CA LEU A 159 -1.41 11.95 2.15
C LEU A 159 -0.17 11.06 2.05
N GLY A 160 -0.04 10.10 2.96
CA GLY A 160 1.08 9.17 2.92
C GLY A 160 1.11 8.35 1.65
N ILE A 161 0.02 7.65 1.38
CA ILE A 161 -0.11 6.89 0.14
C ILE A 161 0.12 7.80 -1.06
N ARG A 162 -0.48 8.99 -1.04
CA ARG A 162 -0.33 9.93 -2.15
C ARG A 162 1.13 10.30 -2.36
N ASP A 163 1.85 10.61 -1.27
CA ASP A 163 3.26 10.99 -1.38
C ASP A 163 4.09 9.88 -2.00
N ALA A 164 3.83 8.62 -1.61
CA ALA A 164 4.60 7.50 -2.14
C ALA A 164 4.38 7.34 -3.64
N ILE A 165 3.12 7.27 -4.07
CA ILE A 165 2.82 7.19 -5.49
C ILE A 165 3.42 8.39 -6.22
N GLN A 166 3.26 9.58 -5.65
CA GLN A 166 3.77 10.80 -6.29
C GLN A 166 5.26 10.71 -6.56
N HIS A 167 6.03 10.17 -5.61
CA HIS A 167 7.47 10.11 -5.79
C HIS A 167 7.85 9.35 -7.05
N PHE A 168 7.04 8.38 -7.46
CA PHE A 168 7.31 7.59 -8.64
C PHE A 168 6.55 8.08 -9.87
N SER A 169 5.62 9.01 -9.73
CA SER A 169 4.82 9.51 -10.85
C SER A 169 5.32 10.88 -11.31
N GLN A 170 5.50 11.02 -12.63
CA GLN A 170 5.85 12.33 -13.19
C GLN A 170 4.63 13.27 -13.16
N ASP A 171 3.45 12.74 -13.46
CA ASP A 171 2.22 13.49 -13.36
C ASP A 171 1.76 13.57 -11.90
N GLU A 172 0.94 14.58 -11.60
CA GLU A 172 0.64 14.88 -10.22
C GLU A 172 -0.49 13.99 -9.69
N VAL A 173 -0.27 13.45 -8.50
CA VAL A 173 -1.13 12.48 -7.85
C VAL A 173 -2.03 13.22 -6.86
N LYS A 174 -3.33 12.94 -6.89
CA LYS A 174 -4.25 13.70 -6.03
C LYS A 174 -5.33 12.82 -5.43
N VAL A 175 -5.84 13.28 -4.28
CA VAL A 175 -6.73 12.51 -3.42
C VAL A 175 -8.17 12.83 -3.76
N LYS A 176 -8.96 11.80 -4.01
CA LYS A 176 -10.42 11.93 -4.06
C LYS A 176 -10.93 11.56 -2.66
N TRP A 177 -11.22 12.58 -1.87
CA TRP A 177 -11.72 12.36 -0.51
C TRP A 177 -12.98 11.50 -0.55
N PRO A 178 -13.14 10.55 0.39
CA PRO A 178 -12.17 10.28 1.44
C PRO A 178 -11.37 8.98 1.28
N ASN A 179 -11.39 8.33 0.11
CA ASN A 179 -10.91 6.96 0.07
C ASN A 179 -10.22 6.55 -1.24
N ASP A 180 -9.77 7.51 -2.04
CA ASP A 180 -9.24 7.13 -3.35
C ASP A 180 -8.14 8.09 -3.79
N ILE A 181 -7.25 7.57 -4.64
CA ILE A 181 -6.13 8.33 -5.19
C ILE A 181 -6.22 8.29 -6.71
N TYR A 182 -5.93 9.42 -7.35
CA TYR A 182 -6.02 9.57 -8.80
C TYR A 182 -4.73 10.17 -9.35
N ILE A 183 -4.38 9.75 -10.56
CA ILE A 183 -3.41 10.46 -11.38
C ILE A 183 -4.12 10.90 -12.65
N ASP A 184 -4.29 12.20 -12.81
CA ASP A 184 -5.10 12.79 -13.89
C ASP A 184 -6.51 12.25 -13.71
N ASN A 185 -7.14 11.71 -14.75
CA ASN A 185 -8.48 11.14 -14.68
C ASN A 185 -8.47 9.70 -14.16
N GLY A 186 -7.30 9.10 -13.98
CA GLY A 186 -7.20 7.69 -13.68
C GLY A 186 -7.05 7.41 -12.20
N LYS A 187 -7.98 6.62 -11.67
CA LYS A 187 -7.85 6.15 -10.30
C LYS A 187 -6.76 5.10 -10.23
N VAL A 188 -5.78 5.33 -9.35
CA VAL A 188 -4.64 4.44 -9.22
C VAL A 188 -4.65 3.68 -7.91
N CYS A 189 -5.42 4.12 -6.91
CA CYS A 189 -5.43 3.46 -5.63
C CYS A 189 -6.77 3.67 -4.94
N GLY A 190 -7.19 2.66 -4.20
CA GLY A 190 -8.27 2.80 -3.25
C GLY A 190 -7.87 2.18 -1.94
N PHE A 191 -8.44 2.70 -0.87
CA PHE A 191 -8.11 2.23 0.46
C PHE A 191 -9.30 2.43 1.37
N LEU A 192 -9.41 1.57 2.39
CA LEU A 192 -10.38 1.78 3.44
C LEU A 192 -9.73 1.53 4.79
N THR A 193 -10.24 2.22 5.80
CA THR A 193 -9.76 2.14 7.17
C THR A 193 -10.86 1.57 8.03
N GLU A 194 -10.59 0.45 8.69
CA GLU A 194 -11.52 -0.19 9.60
C GLU A 194 -10.87 -0.29 10.97
N MET A 195 -11.68 -0.63 11.98
CA MET A 195 -11.18 -0.63 13.34
C MET A 195 -11.93 -1.65 14.17
N VAL A 196 -11.26 -2.12 15.21
CA VAL A 196 -11.86 -2.91 16.28
C VAL A 196 -11.79 -2.07 17.53
N ALA A 197 -12.94 -1.73 18.10
CA ALA A 197 -12.94 -0.76 19.18
C ALA A 197 -14.08 -1.06 20.16
N ASN A 198 -14.01 -0.40 21.30
CA ASN A 198 -15.07 -0.37 22.30
C ASN A 198 -15.15 1.05 22.84
N ASN A 199 -16.02 1.25 23.84
CA ASN A 199 -16.18 2.57 24.43
C ASN A 199 -14.87 3.12 24.98
N ASP A 200 -14.02 2.24 25.52
CA ASP A 200 -12.77 2.66 26.14
C ASP A 200 -11.62 2.81 25.16
N GLY A 201 -11.85 2.66 23.85
CA GLY A 201 -10.77 2.85 22.92
C GLY A 201 -10.65 1.86 21.77
N ILE A 202 -9.58 2.04 20.98
CA ILE A 202 -9.37 1.29 19.75
C ILE A 202 -8.43 0.12 20.03
N GLU A 203 -8.87 -1.08 19.69
CA GLU A 203 -7.99 -2.24 19.83
C GLU A 203 -7.11 -2.43 18.60
N ALA A 204 -7.57 -2.00 17.43
CA ALA A 204 -6.72 -2.09 16.24
C ALA A 204 -7.29 -1.22 15.13
N ILE A 205 -6.38 -0.65 14.33
CA ILE A 205 -6.71 -0.03 13.04
C ILE A 205 -6.30 -1.01 11.95
N ILE A 206 -7.18 -1.20 10.96
CA ILE A 206 -6.90 -2.08 9.82
C ILE A 206 -7.06 -1.23 8.57
N CYS A 207 -5.95 -0.95 7.88
CA CYS A 207 -5.94 -0.15 6.67
C CYS A 207 -5.62 -1.04 5.48
N GLY A 208 -6.62 -1.28 4.63
CA GLY A 208 -6.42 -2.01 3.39
C GLY A 208 -6.12 -1.05 2.27
N ILE A 209 -5.06 -1.34 1.50
CA ILE A 209 -4.59 -0.46 0.45
C ILE A 209 -4.44 -1.26 -0.83
N GLY A 210 -5.10 -0.81 -1.90
CA GLY A 210 -4.95 -1.42 -3.20
C GLY A 210 -4.43 -0.43 -4.22
N ILE A 211 -3.29 -0.71 -4.83
CA ILE A 211 -2.61 0.23 -5.72
C ILE A 211 -2.24 -0.49 -7.02
N ASN A 212 -2.62 0.11 -8.14
CA ASN A 212 -2.20 -0.38 -9.46
C ASN A 212 -0.71 -0.08 -9.63
N LEU A 213 0.12 -1.14 -9.61
CA LEU A 213 1.57 -0.99 -9.58
C LEU A 213 2.25 -1.34 -10.90
N THR A 214 3.10 -2.37 -10.88
CA THR A 214 3.93 -2.75 -12.01
C THR A 214 3.09 -2.91 -13.26
N GLN A 215 2.72 -1.78 -13.82
CA GLN A 215 1.84 -1.75 -14.97
C GLN A 215 2.36 -0.72 -15.94
N GLN A 216 3.70 -0.76 -16.11
CA GLN A 216 4.50 0.01 -17.06
C GLN A 216 3.76 0.39 -18.30
N LEU A 217 3.55 1.69 -18.54
CA LEU A 217 2.76 2.20 -19.66
C LEU A 217 2.13 1.09 -20.47
N GLU A 218 2.84 0.67 -21.51
CA GLU A 218 2.92 -0.70 -22.00
C GLU A 218 2.05 -1.71 -21.28
N ASN A 219 2.45 -2.08 -20.06
CA ASN A 219 1.82 -3.12 -19.25
C ASN A 219 0.36 -2.79 -18.99
N PHE A 220 -0.09 -2.56 -17.75
CA PHE A 220 -1.52 -2.40 -17.40
C PHE A 220 -2.43 -2.70 -18.58
N ASP A 221 -2.85 -3.95 -18.69
CA ASP A 221 -4.19 -4.29 -19.17
C ASP A 221 -4.90 -3.18 -19.96
N GLU A 222 -5.13 -3.33 -21.28
CA GLU A 222 -5.71 -2.25 -22.10
C GLU A 222 -7.20 -1.96 -21.87
N SER A 223 -7.71 -2.08 -20.64
CA SER A 223 -9.15 -1.88 -20.43
C SER A 223 -9.50 -0.40 -20.26
N ILE A 224 -10.06 -0.02 -19.10
CA ILE A 224 -10.61 1.34 -18.92
C ILE A 224 -9.53 2.42 -18.94
N ARG A 225 -8.79 2.53 -20.04
CA ARG A 225 -7.77 3.57 -20.14
C ARG A 225 -8.37 4.96 -20.09
N HIS A 226 -9.56 5.12 -19.49
CA HIS A 226 -10.21 6.42 -19.38
C HIS A 226 -10.50 6.84 -17.95
N ARG A 227 -10.56 5.92 -16.98
CA ARG A 227 -10.61 6.33 -15.57
C ARG A 227 -9.88 5.37 -14.64
N ALA A 228 -8.97 4.54 -15.15
CA ALA A 228 -8.07 3.74 -14.32
C ALA A 228 -6.67 3.85 -14.87
N THR A 229 -5.70 3.88 -13.97
CA THR A 229 -4.30 4.08 -14.35
C THR A 229 -3.41 3.34 -13.36
N SER A 230 -2.12 3.30 -13.70
CA SER A 230 -1.10 2.68 -12.87
C SER A 230 -0.01 3.70 -12.57
N ILE A 231 0.65 3.48 -11.44
CA ILE A 231 1.82 4.25 -11.02
C ILE A 231 2.76 4.41 -12.19
N GLN A 232 3.12 3.30 -12.81
CA GLN A 232 4.17 3.35 -13.82
C GLN A 232 3.70 3.88 -15.17
N LEU A 233 2.39 3.92 -15.46
CA LEU A 233 2.11 4.70 -16.69
C LEU A 233 2.50 6.19 -16.54
N HIS A 234 3.10 6.56 -15.42
CA HIS A 234 3.56 7.91 -15.17
C HIS A 234 4.96 7.87 -14.56
N ASP A 235 5.83 7.01 -15.08
CA ASP A 235 7.22 6.95 -14.66
C ASP A 235 8.06 6.53 -15.85
N LYS A 236 8.97 7.41 -16.28
CA LYS A 236 9.87 7.07 -17.38
C LYS A 236 10.64 5.79 -17.07
N ASN A 237 11.34 5.78 -15.95
CA ASN A 237 12.06 4.58 -15.52
C ASN A 237 11.08 3.47 -15.18
N LYS A 238 11.61 2.25 -15.09
CA LYS A 238 10.81 1.12 -14.65
C LYS A 238 10.50 1.25 -13.17
N LEU A 239 9.38 0.68 -12.74
CA LEU A 239 8.94 0.72 -11.36
C LEU A 239 9.19 -0.63 -10.70
N ASP A 240 10.03 -0.63 -9.67
CA ASP A 240 10.32 -1.81 -8.87
C ASP A 240 9.37 -1.83 -7.68
N ARG A 241 8.66 -2.95 -7.49
CA ARG A 241 7.68 -3.02 -6.41
C ARG A 241 8.34 -2.78 -5.05
N TYR A 242 9.54 -3.33 -4.87
CA TYR A 242 10.18 -3.28 -3.56
C TYR A 242 10.67 -1.87 -3.23
N GLN A 243 11.24 -1.17 -4.22
CA GLN A 243 11.54 0.23 -4.03
C GLN A 243 10.28 1.02 -3.70
N PHE A 244 9.18 0.70 -4.37
CA PHE A 244 7.92 1.37 -4.07
C PHE A 244 7.43 1.03 -2.67
N LEU A 245 7.39 -0.26 -2.34
CA LEU A 245 6.85 -0.70 -1.05
C LEU A 245 7.61 -0.06 0.11
N GLU A 246 8.94 0.02 0.01
CA GLU A 246 9.73 0.65 1.06
C GLU A 246 9.38 2.11 1.23
N ARG A 247 9.23 2.83 0.11
CA ARG A 247 8.77 4.21 0.18
C ARG A 247 7.36 4.29 0.76
N LEU A 248 6.49 3.34 0.40
CA LEU A 248 5.12 3.39 0.91
C LEU A 248 5.07 3.14 2.41
N LEU A 249 5.84 2.16 2.91
CA LEU A 249 5.87 1.90 4.34
C LEU A 249 6.44 3.09 5.11
N GLN A 250 7.49 3.70 4.57
CA GLN A 250 8.11 4.85 5.24
C GLN A 250 7.15 6.02 5.33
N GLU A 251 6.33 6.22 4.29
CA GLU A 251 5.33 7.28 4.31
C GLU A 251 4.17 6.94 5.24
N ILE A 252 3.75 5.67 5.27
CA ILE A 252 2.70 5.25 6.20
C ILE A 252 3.13 5.52 7.64
N GLU A 253 4.39 5.21 7.97
CA GLU A 253 4.89 5.44 9.31
C GLU A 253 4.99 6.93 9.63
N LYS A 254 5.46 7.73 8.66
CA LYS A 254 5.57 9.16 8.91
C LYS A 254 4.20 9.79 9.13
N ARG A 255 3.22 9.41 8.31
CA ARG A 255 1.87 9.96 8.48
C ARG A 255 1.19 9.40 9.71
N TYR A 256 1.54 8.18 10.12
CA TYR A 256 0.94 7.61 11.32
C TYR A 256 1.39 8.37 12.57
N ASN A 257 2.68 8.68 12.65
CA ASN A 257 3.19 9.46 13.78
C ASN A 257 2.59 10.87 13.78
N GLN A 258 2.39 11.44 12.59
CA GLN A 258 1.68 12.71 12.47
C GLN A 258 0.26 12.59 13.02
N PHE A 259 -0.44 11.51 12.65
CA PHE A 259 -1.77 11.27 13.18
C PHE A 259 -1.79 11.25 14.70
N LEU A 260 -0.72 10.75 15.31
CA LEU A 260 -0.65 10.65 16.77
C LEU A 260 -0.30 11.97 17.43
N THR A 261 0.44 12.85 16.73
CA THR A 261 1.01 14.03 17.35
C THR A 261 0.39 15.34 16.90
N LEU A 262 -0.45 15.34 15.87
CA LEU A 262 -0.92 16.59 15.30
C LEU A 262 -2.44 16.60 15.20
N PRO A 263 -3.06 17.77 15.31
CA PRO A 263 -4.46 17.90 14.93
C PRO A 263 -4.59 17.98 13.43
N PHE A 264 -5.79 17.65 12.93
CA PHE A 264 -5.99 17.70 11.49
C PHE A 264 -5.80 19.11 10.94
N SER A 265 -5.92 20.12 11.80
CA SER A 265 -5.70 21.51 11.38
C SER A 265 -4.33 21.68 10.72
N GLU A 266 -3.33 20.95 11.22
CA GLU A 266 -1.96 21.17 10.75
C GLU A 266 -1.77 20.70 9.31
N ILE A 267 -2.35 19.56 8.95
CA ILE A 267 -2.21 19.01 7.61
C ILE A 267 -3.39 19.37 6.71
N ARG A 268 -4.30 20.21 7.18
CA ARG A 268 -5.54 20.46 6.43
C ARG A 268 -5.27 21.17 5.12
N GLU A 269 -4.52 22.28 5.15
CA GLU A 269 -4.24 23.02 3.93
C GLU A 269 -3.49 22.16 2.93
N GLU A 270 -2.58 21.31 3.42
CA GLU A 270 -1.88 20.39 2.53
C GLU A 270 -2.84 19.39 1.91
N TYR A 271 -3.84 18.94 2.66
CA TYR A 271 -4.83 18.02 2.12
C TYR A 271 -5.65 18.69 1.03
N ILE A 272 -6.02 19.95 1.22
CA ILE A 272 -6.87 20.62 0.23
C ILE A 272 -6.10 20.84 -1.06
N ALA A 273 -4.83 21.24 -0.96
CA ALA A 273 -4.00 21.39 -2.15
C ALA A 273 -3.84 20.08 -2.92
N ALA A 274 -4.03 18.95 -2.25
CA ALA A 274 -3.85 17.64 -2.87
C ALA A 274 -5.17 17.00 -3.30
N SER A 275 -6.29 17.69 -3.14
CA SER A 275 -7.59 17.12 -3.47
C SER A 275 -8.01 17.53 -4.89
N ASN A 276 -8.74 16.64 -5.54
CA ASN A 276 -9.24 16.87 -6.90
C ASN A 276 -10.75 16.98 -6.96
N ILE A 277 -11.39 17.33 -5.85
CA ILE A 277 -12.85 17.35 -5.76
C ILE A 277 -13.42 18.75 -5.91
N TRP A 278 -12.59 19.78 -6.05
CA TRP A 278 -13.09 21.13 -6.08
C TRP A 278 -13.48 21.55 -7.49
N ASN A 279 -14.32 22.59 -7.57
CA ASN A 279 -14.62 23.27 -8.82
C ASN A 279 -15.13 22.32 -9.89
N ARG A 280 -15.98 21.38 -9.48
CA ARG A 280 -16.59 20.41 -10.38
C ARG A 280 -17.83 19.86 -9.69
N THR A 281 -18.79 19.43 -10.49
CA THR A 281 -20.03 18.87 -9.93
C THR A 281 -19.81 17.42 -9.54
N LEU A 282 -20.01 17.12 -8.25
CA LEU A 282 -19.80 15.79 -7.72
C LEU A 282 -21.14 15.06 -7.61
N LEU A 283 -21.07 13.73 -7.69
CA LEU A 283 -22.23 12.86 -7.53
C LEU A 283 -22.10 12.18 -6.18
N PHE A 284 -23.08 12.42 -5.31
CA PHE A 284 -23.09 11.85 -3.96
C PHE A 284 -24.11 10.73 -3.88
N THR A 285 -23.66 9.56 -3.44
CA THR A 285 -24.54 8.45 -3.11
C THR A 285 -24.55 8.28 -1.61
N GLU A 286 -25.75 8.26 -1.03
CA GLU A 286 -25.93 7.77 0.33
C GLU A 286 -27.29 7.08 0.40
N ASN A 287 -27.26 5.75 0.47
CA ASN A 287 -28.45 4.92 0.66
C ASN A 287 -29.37 5.02 -0.54
N ASP A 288 -30.66 5.34 -0.30
CA ASP A 288 -31.59 5.47 -1.42
C ASP A 288 -31.03 6.44 -2.45
N LYS A 289 -30.61 7.60 -1.98
CA LYS A 289 -30.64 8.81 -2.79
C LYS A 289 -29.30 9.12 -3.42
N GLN A 290 -29.37 9.63 -4.64
CA GLN A 290 -28.24 10.25 -5.29
C GLN A 290 -28.57 11.72 -5.47
N PHE A 291 -27.55 12.56 -5.39
CA PHE A 291 -27.76 13.98 -5.59
C PHE A 291 -26.43 14.60 -6.01
N LYS A 292 -26.53 15.68 -6.77
CA LYS A 292 -25.36 16.40 -7.23
C LYS A 292 -25.00 17.50 -6.25
N GLY A 293 -23.71 17.83 -6.19
CA GLY A 293 -23.26 18.86 -5.29
C GLY A 293 -21.86 19.33 -5.61
N GLN A 294 -21.50 20.46 -5.03
CA GLN A 294 -20.16 21.04 -5.12
C GLN A 294 -19.53 21.05 -3.73
N ALA A 295 -18.30 20.57 -3.65
CA ALA A 295 -17.55 20.63 -2.39
C ALA A 295 -17.12 22.07 -2.13
N ILE A 296 -17.48 22.59 -0.96
CA ILE A 296 -17.13 23.96 -0.61
C ILE A 296 -15.82 24.02 0.16
N ASP A 297 -15.60 23.06 1.06
CA ASP A 297 -14.49 23.14 2.00
C ASP A 297 -14.38 21.82 2.74
N LEU A 298 -13.16 21.49 3.17
CA LEU A 298 -12.91 20.47 4.17
C LEU A 298 -12.61 21.19 5.47
N ASP A 299 -13.50 21.07 6.44
CA ASP A 299 -13.41 21.91 7.64
C ASP A 299 -12.29 21.40 8.55
N TYR A 300 -12.19 21.98 9.75
CA TYR A 300 -11.12 21.69 10.68
C TYR A 300 -11.16 20.26 11.22
N ASP A 301 -12.27 19.53 11.04
CA ASP A 301 -12.44 18.21 11.63
C ASP A 301 -12.47 17.09 10.59
N GLY A 302 -12.11 17.37 9.35
CA GLY A 302 -12.20 16.37 8.30
C GLY A 302 -13.57 16.18 7.72
N TYR A 303 -14.53 17.05 8.05
CA TYR A 303 -15.85 16.99 7.47
C TYR A 303 -15.88 17.74 6.14
N LEU A 304 -16.45 17.12 5.12
CA LEU A 304 -16.60 17.78 3.83
C LEU A 304 -17.83 18.67 3.86
N ILE A 305 -17.66 19.92 3.44
CA ILE A 305 -18.76 20.88 3.38
C ILE A 305 -19.24 20.94 1.94
N VAL A 306 -20.50 20.56 1.72
CA VAL A 306 -21.06 20.46 0.38
C VAL A 306 -22.26 21.40 0.28
N ARG A 307 -22.44 22.00 -0.89
CA ARG A 307 -23.69 22.65 -1.28
C ARG A 307 -24.27 21.87 -2.44
N ASP A 308 -25.44 21.27 -2.24
CA ASP A 308 -26.01 20.42 -3.27
C ASP A 308 -26.65 21.28 -4.37
N GLU A 309 -27.19 20.60 -5.38
CA GLU A 309 -27.81 21.29 -6.50
C GLU A 309 -29.03 22.11 -6.09
N ALA A 310 -29.62 21.82 -4.94
CA ALA A 310 -30.77 22.56 -4.44
C ALA A 310 -30.39 23.71 -3.51
N GLY A 311 -29.10 23.97 -3.34
CA GLY A 311 -28.63 25.02 -2.46
C GLY A 311 -28.49 24.63 -1.01
N GLU A 312 -28.93 23.44 -0.61
CA GLU A 312 -28.84 23.03 0.77
C GLU A 312 -27.42 22.61 1.12
N SER A 313 -27.07 22.78 2.40
CA SER A 313 -25.73 22.51 2.88
C SER A 313 -25.67 21.16 3.57
N HIS A 314 -24.59 20.42 3.32
CA HIS A 314 -24.31 19.16 3.99
C HIS A 314 -22.93 19.24 4.62
N ARG A 315 -22.79 18.54 5.75
CA ARG A 315 -21.52 18.45 6.49
C ARG A 315 -21.28 16.98 6.78
N LEU A 316 -20.39 16.35 6.01
CA LEU A 316 -20.31 14.91 5.93
C LEU A 316 -18.96 14.41 6.42
N ILE A 317 -19.00 13.50 7.39
CA ILE A 317 -17.79 12.81 7.84
C ILE A 317 -17.25 11.89 6.74
N SER A 318 -18.13 11.39 5.89
CA SER A 318 -17.76 10.41 4.88
C SER A 318 -18.76 10.50 3.74
N ALA A 319 -18.36 10.00 2.57
CA ALA A 319 -19.23 10.12 1.41
C ALA A 319 -18.78 9.15 0.32
N ASP A 320 -19.73 8.80 -0.54
CA ASP A 320 -19.52 7.94 -1.70
C ASP A 320 -19.66 8.82 -2.93
N ILE A 321 -18.53 9.28 -3.47
CA ILE A 321 -18.50 10.34 -4.46
C ILE A 321 -18.14 9.76 -5.83
N ASP A 322 -18.85 10.22 -6.86
CA ASP A 322 -18.53 9.91 -8.24
C ASP A 322 -18.35 11.21 -9.02
N PHE A 323 -17.46 11.19 -10.01
CA PHE A 323 -17.17 12.38 -10.81
C PHE A 323 -18.15 12.51 -11.97
C02 BVY B . -9.54 -6.41 0.47
C04 BVY B . -7.60 -5.09 0.98
C05 BVY B . -6.39 -4.86 0.04
C07 BVY B . -8.18 -3.22 -0.24
C08 BVY B . -9.34 -2.59 -0.98
C09 BVY B . -8.90 -1.74 -2.21
C10 BVY B . -10.14 -1.06 -2.83
C11 BVY B . -9.70 -0.23 -4.06
C12 BVY B . -10.15 -0.94 -5.36
C13 BVY B . -11.63 -0.67 -5.59
C14 BVY B . -12.17 0.36 -6.34
C16 BVY B . -14.41 1.14 -6.97
C17 BVY B . -15.84 0.60 -7.25
C18 BVY B . -16.06 -0.74 -7.60
C19 BVY B . -17.36 -1.19 -7.84
C20 BVY B . -18.44 -0.30 -7.76
C21 BVY B . -18.22 1.03 -7.43
C23 BVY B . -16.91 1.47 -7.18
C26 BVY B . -8.70 -4.34 0.63
F22 BVY B . -19.26 1.91 -7.35
N03 BVY B . -8.03 -6.49 0.89
N15 BVY B . -13.51 0.25 -6.31
N24 BVY B . -13.83 -0.82 -5.53
N25 BVY B . -12.65 -1.39 -5.09
N27 BVY B . -9.82 -4.94 0.35
O01 BVY B . -10.32 -7.33 0.28
S06 BVY B . -7.07 -3.99 -1.39
#